data_4X1R
#
_entry.id   4X1R
#
_cell.length_a   121.177
_cell.length_b   121.177
_cell.length_c   42.368
_cell.angle_alpha   90.00
_cell.angle_beta   90.00
_cell.angle_gamma   120.00
#
_symmetry.space_group_name_H-M   'H 3'
#
loop_
_entity.id
_entity.type
_entity.pdbx_description
1 polymer mupain-1-12
2 polymer 'Urokinase-type plasminogen activator'
3 non-polymer 1-phenylguanidine
4 water water
#
loop_
_entity_poly.entity_id
_entity_poly.type
_entity_poly.pdbx_seq_one_letter_code
_entity_poly.pdbx_strand_id
1 'polypeptide(L)' CPAYSAYLDC P
2 'polypeptide(L)'
;IIGGEFTTIENQPWFAAIYRRHRGGSVTYVCGGSLISPCWVISATHCFIDYPKKEDYIVYLGRSRLNSNTQGEMKFEVEN
LILHKDYSADTLAYHNDIALLKIRSKEGRCAQPSRTIQTIALPSMYNDPQFGTSCEITGFGKEQSTDYLYPEQLKMTVVK
LISHRECQQPHYYGSEVTTKMLCAADPQWKTDSCQGDSGGPLVCSLQGRMTLTGIVSWGRGCALKDKPGVYTRVSHFLPW
IRSHTKE
;
U
#
loop_
_chem_comp.id
_chem_comp.type
_chem_comp.name
_chem_comp.formula
PL0 non-polymer 1-phenylguanidine 'C7 H9 N3'
#
# COMPACT_ATOMS: atom_id res chain seq x y z
N CYS A 1 -10.99 -14.60 3.98
CA CYS A 1 -9.89 -14.00 3.17
C CYS A 1 -10.01 -14.40 1.70
N PRO A 2 -10.03 -13.42 0.79
CA PRO A 2 -9.94 -13.72 -0.65
C PRO A 2 -8.70 -14.53 -0.97
N ALA A 3 -8.82 -15.41 -1.96
CA ALA A 3 -7.75 -16.37 -2.29
C ALA A 3 -6.46 -15.69 -2.75
N TYR A 4 -6.59 -14.49 -3.27
CA TYR A 4 -5.48 -13.74 -3.78
C TYR A 4 -5.05 -12.55 -2.90
N SER A 5 -5.54 -12.47 -1.68
CA SER A 5 -5.18 -11.41 -0.77
C SER A 5 -3.68 -11.34 -0.59
N ALA A 6 -3.08 -10.21 -0.52
CA ALA A 6 -1.75 -10.05 -0.02
C ALA A 6 -1.81 -9.64 1.28
N TYR A 7 -2.62 -9.36 2.32
CA TYR A 7 -2.78 -9.09 3.72
C TYR A 7 -2.05 -10.14 4.52
N LEU A 8 -1.21 -9.69 5.43
CA LEU A 8 -0.34 -10.58 6.16
C LEU A 8 -1.08 -11.58 7.02
N ASP A 9 -2.23 -11.19 7.55
CA ASP A 9 -3.04 -11.97 8.49
C ASP A 9 -3.89 -13.08 7.85
N CYS A 10 -3.88 -13.18 6.52
CA CYS A 10 -4.65 -14.19 5.82
C CYS A 10 -3.89 -15.49 5.70
N ILE B 1 8.10 -7.87 -0.81
CA ILE B 1 8.54 -7.57 -2.19
C ILE B 1 9.43 -8.70 -2.68
N ILE B 2 9.08 -9.26 -3.84
CA ILE B 2 9.90 -10.28 -4.45
C ILE B 2 10.86 -9.59 -5.38
N GLY B 3 12.13 -10.01 -5.33
CA GLY B 3 13.22 -9.33 -6.02
C GLY B 3 13.40 -7.90 -5.53
N GLY B 4 13.86 -7.04 -6.42
CA GLY B 4 14.16 -5.67 -6.04
C GLY B 4 15.27 -5.63 -5.02
N GLU B 5 15.37 -4.53 -4.29
CA GLU B 5 16.51 -4.26 -3.48
C GLU B 5 16.11 -3.70 -2.15
N PHE B 6 16.92 -3.93 -1.14
CA PHE B 6 16.72 -3.29 0.13
C PHE B 6 16.95 -1.79 -0.08
N THR B 7 16.23 -1.00 0.68
CA THR B 7 16.32 0.44 0.55
C THR B 7 16.18 1.00 1.93
N THR B 8 16.12 2.32 2.05
CA THR B 8 15.88 2.94 3.35
C THR B 8 14.72 3.91 3.23
N ILE B 9 14.23 4.40 4.35
CA ILE B 9 13.10 5.26 4.32
C ILE B 9 13.37 6.53 3.47
N GLU B 10 14.63 7.00 3.43
CA GLU B 10 14.93 8.23 2.73
C GLU B 10 14.57 8.15 1.24
N ASN B 11 14.66 6.97 0.66
CA ASN B 11 14.27 6.78 -0.72
C ASN B 11 12.76 6.62 -0.95
N GLN B 12 12.00 6.46 0.13
CA GLN B 12 10.53 6.28 0.10
C GLN B 12 9.90 6.93 1.33
N PRO B 13 10.11 8.24 1.51
CA PRO B 13 9.85 8.92 2.76
C PRO B 13 8.39 9.15 3.05
N TRP B 14 7.53 8.86 2.08
CA TRP B 14 6.08 8.80 2.26
C TRP B 14 5.58 7.49 2.84
N PHE B 15 6.46 6.52 2.96
CA PHE B 15 5.98 5.20 3.40
C PHE B 15 5.67 5.15 4.89
N ALA B 16 4.46 4.69 5.20
CA ALA B 16 3.92 4.60 6.54
C ALA B 16 3.82 3.13 6.90
N ALA B 17 4.33 2.77 8.07
CA ALA B 17 4.31 1.42 8.59
C ALA B 17 3.27 1.33 9.69
N ILE B 18 2.31 0.43 9.51
CA ILE B 18 1.11 0.36 10.40
C ILE B 18 1.08 -0.95 11.19
N TYR B 19 0.89 -0.81 12.50
CA TYR B 19 0.98 -1.91 13.43
C TYR B 19 -0.32 -1.97 14.23
N ARG B 20 -0.61 -3.12 14.80
CA ARG B 20 -1.77 -3.28 15.65
C ARG B 20 -1.35 -3.74 17.04
N ARG B 21 -1.79 -3.05 18.08
CA ARG B 21 -1.47 -3.48 19.43
C ARG B 21 -2.37 -4.59 19.90
N HIS B 22 -1.79 -5.54 20.59
CA HIS B 22 -2.52 -6.72 20.96
C HIS B 22 -2.86 -6.71 22.43
N ARG B 23 -3.94 -7.40 22.77
CA ARG B 23 -4.52 -7.33 24.10
C ARG B 23 -3.44 -7.79 25.07
N GLY B 24 -2.56 -8.65 24.60
CA GLY B 24 -1.38 -9.00 25.37
C GLY B 24 -0.48 -7.80 25.64
N GLY B 25 -0.39 -6.91 24.67
CA GLY B 25 0.67 -5.92 24.67
C GLY B 25 1.67 -6.28 23.60
N SER B 26 1.45 -7.39 22.91
CA SER B 26 2.14 -7.65 21.68
C SER B 26 1.67 -6.66 20.64
N VAL B 27 2.61 -6.19 19.84
CA VAL B 27 2.38 -5.32 18.71
C VAL B 27 2.97 -5.95 17.43
N THR B 28 2.15 -6.11 16.40
CA THR B 28 2.61 -6.73 15.19
C THR B 28 2.23 -5.92 13.99
N TYR B 29 3.00 -6.05 12.93
CA TYR B 29 2.82 -5.26 11.72
C TYR B 29 1.55 -5.66 11.04
N VAL B 30 0.86 -4.69 10.48
CA VAL B 30 -0.40 -4.96 9.82
C VAL B 30 -0.23 -4.80 8.34
N CYS B 31 0.25 -3.62 7.94
CA CYS B 31 0.17 -3.19 6.57
C CYS B 31 1.00 -1.95 6.31
N GLY B 32 1.20 -1.64 5.03
CA GLY B 32 1.81 -0.38 4.67
C GLY B 32 0.76 0.68 4.41
N GLY B 33 1.27 1.88 4.15
CA GLY B 33 0.48 3.02 3.79
C GLY B 33 1.37 4.10 3.21
N SER B 34 0.74 5.23 2.87
CA SER B 34 1.39 6.35 2.23
C SER B 34 0.88 7.66 2.83
N LEU B 35 1.82 8.56 3.11
CA LEU B 35 1.55 9.85 3.70
C LEU B 35 1.14 10.84 2.60
N ILE B 36 -0.14 11.12 2.48
CA ILE B 36 -0.60 12.01 1.38
C ILE B 36 -0.79 13.46 1.81
N SER B 37 -0.79 13.69 3.12
CA SER B 37 -0.71 15.02 3.65
C SER B 37 -0.28 14.88 5.10
N PRO B 38 0.10 15.99 5.76
CA PRO B 38 0.66 15.91 7.10
C PRO B 38 -0.15 15.08 8.07
N CYS B 39 -1.48 15.16 7.99
CA CYS B 39 -2.34 14.47 8.96
C CYS B 39 -2.96 13.19 8.45
N TRP B 40 -2.67 12.82 7.20
CA TRP B 40 -3.42 11.76 6.53
C TRP B 40 -2.53 10.72 5.86
N VAL B 41 -2.78 9.48 6.24
CA VAL B 41 -2.16 8.34 5.61
C VAL B 41 -3.24 7.55 4.90
N ILE B 42 -2.94 7.14 3.66
CA ILE B 42 -3.82 6.29 2.90
C ILE B 42 -3.30 4.84 2.85
N SER B 43 -4.22 3.88 2.92
CA SER B 43 -3.90 2.44 2.92
C SER B 43 -5.07 1.65 2.31
N ALA B 44 -5.17 0.37 2.67
CA ALA B 44 -6.22 -0.49 2.15
C ALA B 44 -7.21 -0.85 3.26
N THR B 45 -8.49 -0.94 2.90
CA THR B 45 -9.54 -1.25 3.89
C THR B 45 -9.38 -2.64 4.48
N HIS B 46 -8.94 -3.59 3.67
CA HIS B 46 -8.85 -4.97 4.10
C HIS B 46 -7.87 -5.18 5.27
N CYS B 47 -6.91 -4.27 5.48
CA CYS B 47 -6.01 -4.35 6.63
C CYS B 47 -6.67 -4.16 8.00
N PHE B 48 -7.81 -3.49 7.98
CA PHE B 48 -8.48 -3.09 9.19
C PHE B 48 -9.90 -3.64 9.37
N ILE B 49 -10.45 -4.24 8.35
CA ILE B 49 -11.86 -4.57 8.34
C ILE B 49 -12.17 -5.55 9.46
N ASP B 50 -11.27 -6.48 9.72
CA ASP B 50 -11.38 -7.39 10.84
C ASP B 50 -11.33 -6.81 12.26
N TYR B 51 -10.51 -5.80 12.49
CA TYR B 51 -10.37 -5.18 13.79
C TYR B 51 -10.54 -3.65 13.65
N PRO B 52 -11.85 -3.17 13.47
CA PRO B 52 -11.97 -1.75 13.04
C PRO B 52 -12.11 -0.60 14.04
N LYS B 53 -11.07 -0.57 14.81
CA LYS B 53 -11.09 0.17 15.94
C LYS B 53 -9.80 0.88 16.01
N LYS B 54 -9.87 2.19 15.85
CA LYS B 54 -8.73 3.02 15.69
C LYS B 54 -7.73 2.99 16.83
N GLU B 55 -8.21 2.69 18.03
CA GLU B 55 -7.35 2.67 19.21
C GLU B 55 -6.26 1.63 19.17
N ASP B 56 -6.52 0.50 18.55
CA ASP B 56 -5.53 -0.55 18.50
C ASP B 56 -4.30 -0.33 17.62
N TYR B 57 -4.34 0.69 16.78
CA TYR B 57 -3.32 0.91 15.77
C TYR B 57 -2.35 2.03 16.02
N ILE B 58 -1.10 1.79 15.69
CA ILE B 58 -0.03 2.75 15.70
C ILE B 58 0.49 2.90 14.27
N VAL B 59 0.89 4.12 13.92
CA VAL B 59 1.48 4.38 12.62
C VAL B 59 2.86 4.98 12.84
N TYR B 60 3.86 4.42 12.16
CA TYR B 60 5.20 5.00 12.16
C TYR B 60 5.48 5.55 10.79
N LEU B 61 6.23 6.65 10.79
CA LEU B 61 6.74 7.27 9.60
C LEU B 61 8.20 7.40 9.88
N GLY B 62 9.01 7.52 8.84
CA GLY B 62 10.46 7.64 9.02
C GLY B 62 11.10 6.33 9.44
N ARG B 63 10.40 5.22 9.24
CA ARG B 63 10.83 3.92 9.77
C ARG B 63 11.30 3.03 8.63
N SER B 64 12.53 2.54 8.76
CA SER B 64 13.19 1.72 7.75
C SER B 64 13.20 0.22 8.12
N ARG B 65 12.92 -0.08 9.38
CA ARG B 65 13.02 -1.45 9.85
C ARG B 65 11.74 -1.92 10.49
N LEU B 66 11.46 -3.21 10.33
CA LEU B 66 10.16 -3.75 10.70
C LEU B 66 9.96 -3.84 12.20
N ASN B 67 10.95 -4.38 12.90
CA ASN B 67 10.78 -4.72 14.32
C ASN B 67 11.81 -4.05 15.21
N SER B 68 12.48 -3.04 14.68
CA SER B 68 13.40 -2.24 15.46
C SER B 68 13.29 -0.76 15.01
N ASN B 69 13.82 0.15 15.83
CA ASN B 69 13.63 1.59 15.64
C ASN B 69 14.63 2.16 14.65
N THR B 70 14.21 3.15 13.86
CA THR B 70 15.07 3.86 12.94
C THR B 70 15.23 5.24 13.54
N GLN B 71 16.38 5.86 13.38
CA GLN B 71 16.51 7.23 13.87
C GLN B 71 15.81 8.18 12.91
N GLY B 72 15.04 9.10 13.47
CA GLY B 72 14.25 10.03 12.66
C GLY B 72 12.81 9.60 12.55
N GLU B 73 12.49 8.38 13.04
CA GLU B 73 11.12 7.90 12.98
C GLU B 73 10.24 8.67 13.94
N MET B 74 8.95 8.67 13.66
CA MET B 74 7.99 9.32 14.49
C MET B 74 6.80 8.40 14.58
N LYS B 75 6.26 8.31 15.78
CA LYS B 75 5.15 7.41 16.09
C LYS B 75 3.84 8.20 16.22
N PHE B 76 2.76 7.64 15.68
CA PHE B 76 1.47 8.31 15.65
C PHE B 76 0.32 7.40 16.02
N GLU B 77 -0.69 8.00 16.67
CA GLU B 77 -1.96 7.36 16.95
C GLU B 77 -2.92 7.66 15.82
N VAL B 78 -3.94 6.83 15.70
CA VAL B 78 -4.96 7.01 14.69
C VAL B 78 -6.12 7.78 15.33
N GLU B 79 -6.38 8.97 14.79
CA GLU B 79 -7.42 9.86 15.29
C GLU B 79 -8.75 9.49 14.67
N ASN B 80 -8.75 9.12 13.39
CA ASN B 80 -9.86 8.34 12.85
C ASN B 80 -9.50 7.41 11.70
N LEU B 81 -10.24 6.32 11.65
CA LEU B 81 -9.99 5.23 10.77
C LEU B 81 -11.17 5.15 9.84
N ILE B 82 -10.95 5.52 8.58
CA ILE B 82 -12.02 5.66 7.63
C ILE B 82 -11.93 4.55 6.62
N LEU B 83 -12.82 3.58 6.75
CA LEU B 83 -12.90 2.52 5.78
C LEU B 83 -13.85 2.94 4.66
N HIS B 84 -13.73 2.25 3.52
CA HIS B 84 -14.63 2.48 2.41
C HIS B 84 -15.93 1.70 2.63
N LYS B 85 -17.05 2.38 2.44
CA LYS B 85 -18.35 1.80 2.78
C LYS B 85 -18.79 0.80 1.72
N ASP B 86 -18.28 0.92 0.50
CA ASP B 86 -18.49 -0.11 -0.53
C ASP B 86 -17.37 -1.16 -0.62
N TYR B 87 -16.51 -1.24 0.40
CA TYR B 87 -15.54 -2.33 0.45
C TYR B 87 -16.25 -3.65 0.30
N SER B 88 -15.67 -4.57 -0.44
CA SER B 88 -16.17 -5.92 -0.50
C SER B 88 -15.05 -6.88 -0.78
N ALA B 89 -15.10 -8.07 -0.22
CA ALA B 89 -14.09 -9.07 -0.53
C ALA B 89 -14.70 -10.30 -1.18
N ASP B 90 -14.20 -10.63 -2.35
CA ASP B 90 -14.65 -11.76 -3.12
C ASP B 90 -13.87 -13.01 -2.83
N THR B 91 -14.17 -14.05 -3.58
CA THR B 91 -13.39 -15.26 -3.53
C THR B 91 -11.96 -15.02 -3.98
N LEU B 92 -11.77 -14.16 -4.97
CA LEU B 92 -10.43 -13.86 -5.42
C LEU B 92 -9.87 -12.50 -5.01
N ALA B 93 -10.67 -11.47 -5.12
CA ALA B 93 -10.18 -10.11 -5.12
C ALA B 93 -10.90 -9.20 -4.14
N TYR B 94 -10.33 -8.03 -3.90
CA TYR B 94 -10.96 -7.04 -3.07
C TYR B 94 -11.52 -5.96 -3.96
N HIS B 95 -12.55 -5.27 -3.53
CA HIS B 95 -13.12 -4.15 -4.26
C HIS B 95 -13.18 -2.91 -3.39
N ASN B 96 -13.00 -1.74 -3.96
CA ASN B 96 -12.94 -0.47 -3.22
C ASN B 96 -12.00 -0.57 -2.00
N ASP B 97 -10.86 -1.22 -2.24
CA ASP B 97 -9.94 -1.53 -1.19
C ASP B 97 -9.05 -0.31 -0.90
N ILE B 98 -9.61 0.61 -0.13
CA ILE B 98 -8.96 1.87 0.19
C ILE B 98 -9.44 2.36 1.54
N ALA B 99 -8.54 2.99 2.29
CA ALA B 99 -8.82 3.46 3.64
C ALA B 99 -8.01 4.70 3.98
N LEU B 100 -8.53 5.49 4.92
CA LEU B 100 -7.80 6.64 5.44
C LEU B 100 -7.60 6.61 6.94
N LEU B 101 -6.40 6.98 7.35
CA LEU B 101 -6.08 7.14 8.75
C LEU B 101 -5.69 8.58 8.96
N LYS B 102 -6.32 9.23 9.92
CA LYS B 102 -5.88 10.54 10.35
C LYS B 102 -4.95 10.32 11.51
N ILE B 103 -3.74 10.83 11.42
CA ILE B 103 -2.72 10.58 12.43
C ILE B 103 -2.50 11.79 13.34
N ARG B 104 -2.30 11.54 14.61
CA ARG B 104 -1.81 12.54 15.54
C ARG B 104 -0.89 11.96 16.58
N SER B 105 0.15 12.70 16.91
CA SER B 105 1.06 12.30 17.93
C SER B 105 0.38 12.48 19.26
N LYS B 106 0.88 11.87 20.30
CA LYS B 106 0.27 12.00 21.61
C LYS B 106 0.37 13.46 22.01
N GLU B 107 1.40 14.12 21.51
CA GLU B 107 1.55 15.54 21.68
C GLU B 107 0.51 16.35 20.89
N GLY B 108 -0.17 15.72 19.95
CA GLY B 108 -1.15 16.40 19.14
C GLY B 108 -0.71 16.94 17.80
N ARG B 109 0.49 16.59 17.37
CA ARG B 109 1.01 17.05 16.09
C ARG B 109 0.83 16.08 14.93
N CYS B 110 0.78 16.59 13.72
CA CYS B 110 0.77 15.78 12.51
C CYS B 110 2.21 15.62 11.96
N ALA B 111 2.39 14.98 10.81
CA ALA B 111 3.73 14.68 10.33
C ALA B 111 4.51 15.93 9.99
N GLN B 112 5.81 15.89 10.24
CA GLN B 112 6.69 16.98 9.90
C GLN B 112 7.79 16.54 8.93
N PRO B 113 7.77 17.09 7.70
CA PRO B 113 8.77 16.74 6.71
C PRO B 113 10.18 16.80 7.28
N SER B 114 11.06 15.97 6.73
CA SER B 114 12.32 15.64 7.33
C SER B 114 13.13 14.89 6.28
N ARG B 115 14.39 14.64 6.56
CA ARG B 115 15.17 13.72 5.74
C ARG B 115 14.41 12.42 5.44
N THR B 116 13.65 11.96 6.42
CA THR B 116 13.07 10.62 6.37
C THR B 116 11.54 10.60 6.21
N ILE B 117 10.91 11.78 6.14
CA ILE B 117 9.45 11.90 6.06
C ILE B 117 9.04 13.00 5.08
N GLN B 118 8.21 12.61 4.12
CA GLN B 118 7.67 13.52 3.11
C GLN B 118 6.35 12.96 2.61
N THR B 119 5.46 13.88 2.22
CA THR B 119 4.14 13.53 1.71
C THR B 119 4.34 13.14 0.26
N ILE B 120 3.35 12.48 -0.33
CA ILE B 120 3.41 12.03 -1.73
C ILE B 120 2.15 12.62 -2.39
N ALA B 121 2.29 13.09 -3.62
CA ALA B 121 1.18 13.72 -4.33
C ALA B 121 0.15 12.72 -4.84
N LEU B 122 -1.12 13.12 -4.78
CA LEU B 122 -2.20 12.36 -5.40
C LEU B 122 -2.23 12.72 -6.86
N PRO B 123 -2.72 11.81 -7.72
CA PRO B 123 -2.88 12.17 -9.11
C PRO B 123 -4.16 13.01 -9.30
N SER B 124 -4.30 13.59 -10.48
CA SER B 124 -5.53 14.29 -10.84
C SER B 124 -6.57 13.26 -11.21
N MET B 125 -7.84 13.62 -11.03
CA MET B 125 -8.91 12.63 -11.09
C MET B 125 -8.95 11.96 -12.46
N TYR B 126 -8.94 10.64 -12.41
CA TYR B 126 -8.95 9.77 -13.60
C TYR B 126 -7.66 9.87 -14.45
N ASN B 127 -6.71 10.73 -14.03
CA ASN B 127 -5.40 10.84 -14.68
C ASN B 127 -4.39 9.81 -14.14
N ASP B 128 -4.10 8.82 -14.99
CA ASP B 128 -3.13 7.74 -14.72
C ASP B 128 -2.09 7.70 -15.84
N PRO B 129 -0.85 7.24 -15.56
CA PRO B 129 0.13 7.15 -16.65
C PRO B 129 -0.23 6.07 -17.67
N GLN B 130 0.53 5.95 -18.74
CA GLN B 130 0.24 5.03 -19.80
C GLN B 130 0.83 3.66 -19.56
N PHE B 131 0.22 2.61 -20.07
CA PHE B 131 0.73 1.26 -19.86
C PHE B 131 2.18 1.21 -20.34
N GLY B 132 2.98 0.34 -19.70
CA GLY B 132 4.41 0.26 -19.99
C GLY B 132 5.27 1.26 -19.21
N THR B 133 4.61 2.20 -18.52
CA THR B 133 5.31 3.09 -17.61
C THR B 133 5.83 2.34 -16.40
N SER B 134 7.11 2.54 -16.09
CA SER B 134 7.74 2.02 -14.88
C SER B 134 7.34 2.77 -13.61
N CYS B 135 7.03 2.01 -12.56
CA CYS B 135 6.60 2.54 -11.26
C CYS B 135 7.32 1.81 -10.11
N GLU B 136 7.24 2.35 -8.90
CA GLU B 136 7.95 1.77 -7.78
C GLU B 136 6.98 1.35 -6.71
N ILE B 137 7.22 0.16 -6.17
CA ILE B 137 6.47 -0.33 -5.04
C ILE B 137 7.45 -0.54 -3.89
N THR B 138 6.98 -0.36 -2.66
CA THR B 138 7.81 -0.43 -1.45
C THR B 138 7.09 -1.25 -0.41
N GLY B 139 7.83 -1.95 0.45
CA GLY B 139 7.18 -2.61 1.56
C GLY B 139 8.02 -3.57 2.37
N PHE B 140 7.40 -4.08 3.45
CA PHE B 140 8.00 -5.08 4.32
C PHE B 140 7.40 -6.45 4.05
N GLY B 141 6.94 -6.66 2.83
CA GLY B 141 6.34 -7.94 2.48
C GLY B 141 7.38 -9.02 2.25
N LYS B 142 6.90 -10.24 2.28
CA LYS B 142 7.71 -11.41 2.01
C LYS B 142 8.56 -11.28 0.76
N GLU B 143 9.77 -11.78 0.87
CA GLU B 143 10.68 -11.83 -0.22
C GLU B 143 10.48 -13.04 -1.11
N GLN B 144 9.70 -14.00 -0.64
CA GLN B 144 9.28 -15.14 -1.43
C GLN B 144 7.93 -15.59 -0.97
N SER B 145 7.15 -16.11 -1.90
CA SER B 145 5.79 -16.46 -1.57
C SER B 145 5.74 -17.52 -0.51
N THR B 146 6.73 -18.38 -0.49
CA THR B 146 6.81 -19.49 0.44
C THR B 146 7.41 -19.20 1.82
N ASP B 147 8.03 -18.02 1.99
CA ASP B 147 8.64 -17.64 3.27
C ASP B 147 7.57 -17.57 4.36
N TYR B 148 8.01 -17.72 5.61
CA TYR B 148 7.15 -17.52 6.79
C TYR B 148 7.50 -16.29 7.64
N LEU B 149 8.70 -15.76 7.43
CA LEU B 149 9.17 -14.54 8.09
C LEU B 149 9.13 -13.39 7.11
N TYR B 150 9.05 -12.17 7.65
CA TYR B 150 9.12 -10.98 6.83
C TYR B 150 10.51 -10.39 6.96
N PRO B 151 10.95 -9.67 5.92
CA PRO B 151 12.26 -9.03 5.99
C PRO B 151 12.24 -7.89 7.00
N GLU B 152 13.37 -7.67 7.66
CA GLU B 152 13.49 -6.66 8.69
C GLU B 152 13.81 -5.29 8.13
N GLN B 153 14.36 -5.26 6.92
CA GLN B 153 14.68 -4.03 6.22
C GLN B 153 13.69 -3.78 5.07
N LEU B 154 13.31 -2.52 4.92
CA LEU B 154 12.38 -2.11 3.89
C LEU B 154 12.91 -2.44 2.52
N LYS B 155 12.03 -2.81 1.61
CA LYS B 155 12.45 -3.08 0.25
C LYS B 155 11.65 -2.30 -0.78
N MET B 156 12.20 -2.17 -1.96
CA MET B 156 11.45 -1.65 -3.08
C MET B 156 11.80 -2.34 -4.34
N THR B 157 10.96 -2.18 -5.33
CA THR B 157 11.29 -2.63 -6.65
C THR B 157 10.54 -1.82 -7.71
N VAL B 158 10.83 -2.13 -8.96
CA VAL B 158 10.22 -1.50 -10.10
C VAL B 158 9.36 -2.49 -10.88
N VAL B 159 8.13 -2.07 -11.17
CA VAL B 159 7.21 -2.82 -12.00
C VAL B 159 6.64 -1.89 -13.08
N LYS B 160 6.00 -2.49 -14.07
CA LYS B 160 5.44 -1.76 -15.20
C LYS B 160 3.91 -1.91 -15.23
N LEU B 161 3.24 -0.78 -15.40
CA LEU B 161 1.80 -0.72 -15.57
C LEU B 161 1.34 -1.53 -16.79
N ILE B 162 0.26 -2.28 -16.58
CA ILE B 162 -0.32 -3.14 -17.60
C ILE B 162 -1.67 -2.54 -18.03
N SER B 163 -2.01 -2.73 -19.31
CA SER B 163 -3.31 -2.32 -19.84
C SER B 163 -4.43 -3.18 -19.23
N HIS B 164 -5.61 -2.59 -19.07
CA HIS B 164 -6.79 -3.38 -18.71
C HIS B 164 -7.09 -4.41 -19.78
N ARG B 165 -6.96 -3.98 -21.04
CA ARG B 165 -6.99 -4.90 -22.18
C ARG B 165 -6.27 -6.18 -21.85
N GLU B 166 -5.00 -6.07 -21.50
CA GLU B 166 -4.17 -7.24 -21.29
C GLU B 166 -4.47 -7.93 -19.96
N CYS B 167 -4.76 -7.16 -18.91
CA CYS B 167 -4.95 -7.75 -17.58
C CYS B 167 -6.22 -8.61 -17.49
N GLN B 168 -7.19 -8.27 -18.33
CA GLN B 168 -8.44 -9.01 -18.40
C GLN B 168 -8.38 -10.32 -19.17
N GLN B 169 -7.28 -10.58 -19.85
CA GLN B 169 -7.18 -11.81 -20.61
C GLN B 169 -7.36 -12.95 -19.66
N PRO B 170 -8.15 -14.00 -20.14
CA PRO B 170 -8.47 -15.02 -19.13
C PRO B 170 -7.27 -15.69 -18.52
N HIS B 171 -6.18 -15.82 -19.24
CA HIS B 171 -5.01 -16.43 -18.66
C HIS B 171 -4.32 -15.50 -17.66
N TYR B 172 -4.71 -14.22 -17.65
CA TYR B 172 -4.41 -13.33 -16.53
C TYR B 172 -5.50 -13.37 -15.46
N TYR B 173 -6.32 -12.34 -15.33
CA TYR B 173 -7.36 -12.35 -14.29
C TYR B 173 -8.81 -12.29 -14.80
N GLY B 174 -8.98 -12.12 -16.11
CA GLY B 174 -10.29 -12.15 -16.71
C GLY B 174 -11.19 -11.02 -16.25
N SER B 175 -12.41 -11.38 -15.90
CA SER B 175 -13.44 -10.43 -15.46
C SER B 175 -13.17 -9.87 -14.07
N GLU B 176 -12.25 -10.50 -13.34
CA GLU B 176 -12.02 -10.14 -11.93
C GLU B 176 -11.24 -8.82 -11.74
N VAL B 177 -10.65 -8.29 -12.81
CA VAL B 177 -10.01 -6.97 -12.78
C VAL B 177 -10.98 -5.96 -13.36
N THR B 178 -11.39 -4.99 -12.56
CA THR B 178 -12.32 -3.96 -12.99
C THR B 178 -11.54 -2.68 -13.24
N THR B 179 -12.21 -1.65 -13.74
CA THR B 179 -11.52 -0.39 -14.11
C THR B 179 -11.12 0.45 -12.90
N LYS B 180 -11.54 0.05 -11.70
CA LYS B 180 -11.18 0.76 -10.46
C LYS B 180 -9.89 0.18 -9.86
N MET B 181 -9.27 -0.73 -10.61
CA MET B 181 -8.03 -1.38 -10.24
C MET B 181 -6.98 -1.14 -11.34
N LEU B 182 -5.74 -1.46 -11.03
CA LEU B 182 -4.63 -1.25 -11.93
C LEU B 182 -3.74 -2.47 -11.81
N CYS B 183 -3.28 -3.00 -12.93
CA CYS B 183 -2.31 -4.08 -12.93
C CYS B 183 -0.88 -3.57 -13.20
N ALA B 184 0.09 -4.25 -12.60
CA ALA B 184 1.51 -3.91 -12.80
C ALA B 184 2.36 -5.13 -12.50
N ALA B 185 3.38 -5.32 -13.31
CA ALA B 185 4.29 -6.43 -13.15
C ALA B 185 5.56 -6.23 -13.93
N ASP B 186 6.52 -7.09 -13.66
CA ASP B 186 7.72 -7.19 -14.42
C ASP B 186 7.54 -7.94 -15.73
N PRO B 187 8.12 -7.33 -16.84
CA PRO B 187 7.91 -8.06 -18.11
C PRO B 187 8.48 -9.46 -18.11
N GLN B 188 9.56 -9.69 -17.41
CA GLN B 188 10.07 -11.05 -17.24
C GLN B 188 9.44 -11.80 -16.07
N TRP B 189 8.57 -11.15 -15.33
CA TRP B 189 7.90 -11.75 -14.17
C TRP B 189 8.81 -12.17 -12.99
N LYS B 190 9.93 -11.48 -12.81
CA LYS B 190 10.82 -11.81 -11.71
C LYS B 190 10.71 -10.93 -10.45
N THR B 191 9.91 -9.89 -10.45
CA THR B 191 9.72 -9.09 -9.26
C THR B 191 8.29 -8.67 -9.08
N ASP B 192 7.88 -8.49 -7.82
CA ASP B 192 6.47 -8.33 -7.50
C ASP B 192 6.24 -7.82 -6.08
N SER B 193 5.02 -7.34 -5.82
CA SER B 193 4.55 -7.22 -4.45
C SER B 193 4.20 -8.62 -3.93
N CYS B 194 4.06 -8.77 -2.61
CA CYS B 194 3.70 -10.06 -2.04
C CYS B 194 3.02 -9.88 -0.70
N GLN B 195 2.79 -11.00 0.00
CA GLN B 195 2.09 -10.95 1.27
C GLN B 195 2.84 -10.04 2.23
N GLY B 196 2.11 -9.14 2.89
CA GLY B 196 2.69 -8.19 3.80
C GLY B 196 3.00 -6.83 3.18
N ASP B 197 2.87 -6.71 1.86
CA ASP B 197 3.06 -5.45 1.15
C ASP B 197 1.75 -4.65 1.03
N SER B 198 0.61 -5.28 1.34
CA SER B 198 -0.68 -4.66 1.11
C SER B 198 -0.83 -3.31 1.82
N GLY B 199 -1.60 -2.39 1.22
CA GLY B 199 -1.76 -1.03 1.74
C GLY B 199 -0.65 -0.07 1.28
N GLY B 200 0.49 -0.63 0.90
CA GLY B 200 1.62 0.16 0.41
C GLY B 200 1.49 0.79 -0.98
N PRO B 201 2.38 1.76 -1.29
CA PRO B 201 2.24 2.55 -2.50
C PRO B 201 2.78 1.94 -3.78
N LEU B 202 2.06 2.20 -4.87
CA LEU B 202 2.60 2.12 -6.22
C LEU B 202 2.80 3.56 -6.67
N VAL B 203 4.06 3.94 -6.89
CA VAL B 203 4.41 5.33 -7.16
C VAL B 203 4.95 5.46 -8.60
N CYS B 204 4.36 6.36 -9.38
CA CYS B 204 4.85 6.68 -10.74
C CYS B 204 5.08 8.17 -10.93
N SER B 205 5.89 8.49 -11.93
CA SER B 205 6.09 9.87 -12.33
C SER B 205 4.97 10.19 -13.31
N LEU B 206 4.12 11.16 -12.95
CA LEU B 206 3.01 11.54 -13.81
C LEU B 206 3.12 13.02 -14.09
N GLN B 207 3.57 13.36 -15.29
CA GLN B 207 3.78 14.77 -15.70
C GLN B 207 4.72 15.49 -14.72
N GLY B 208 5.96 15.02 -14.65
CA GLY B 208 7.00 15.65 -13.81
C GLY B 208 7.06 15.15 -12.38
N ARG B 209 5.91 14.78 -11.82
CA ARG B 209 5.80 14.54 -10.39
C ARG B 209 5.71 13.06 -9.99
N MET B 210 6.43 12.71 -8.92
CA MET B 210 6.25 11.42 -8.24
C MET B 210 4.87 11.38 -7.65
N THR B 211 4.00 10.52 -8.18
CA THR B 211 2.60 10.46 -7.74
C THR B 211 2.12 9.08 -7.26
N LEU B 212 1.26 9.08 -6.25
CA LEU B 212 0.60 7.87 -5.75
C LEU B 212 -0.49 7.40 -6.68
N THR B 213 -0.18 6.38 -7.45
CA THR B 213 -1.06 5.87 -8.49
C THR B 213 -1.81 4.60 -8.06
N GLY B 214 -1.23 3.82 -7.18
CA GLY B 214 -1.89 2.64 -6.68
C GLY B 214 -1.63 2.29 -5.22
N ILE B 215 -2.49 1.39 -4.73
CA ILE B 215 -2.37 0.83 -3.40
C ILE B 215 -2.43 -0.69 -3.51
N VAL B 216 -1.41 -1.36 -2.94
CA VAL B 216 -1.26 -2.78 -3.06
C VAL B 216 -2.52 -3.46 -2.52
N SER B 217 -3.15 -4.33 -3.31
CA SER B 217 -4.43 -4.96 -2.95
C SER B 217 -4.39 -6.49 -3.01
N TRP B 218 -4.19 -7.05 -4.20
CA TRP B 218 -4.23 -8.50 -4.34
C TRP B 218 -3.57 -8.92 -5.60
N GLY B 219 -3.17 -10.18 -5.63
CA GLY B 219 -2.63 -10.83 -6.78
C GLY B 219 -2.49 -12.32 -6.53
N ARG B 220 -2.32 -13.10 -7.57
CA ARG B 220 -2.21 -14.53 -7.40
C ARG B 220 -0.76 -14.89 -7.34
N GLY B 221 -0.35 -15.58 -6.29
CA GLY B 221 1.06 -15.89 -6.10
C GLY B 221 1.93 -14.64 -6.04
N CYS B 222 3.25 -14.76 -6.10
CA CYS B 222 4.07 -13.56 -6.20
C CYS B 222 5.13 -13.83 -7.25
N ALA B 223 5.26 -12.90 -8.20
CA ALA B 223 6.17 -13.08 -9.30
C ALA B 223 5.90 -14.36 -10.06
N LEU B 224 4.65 -14.60 -10.37
CA LEU B 224 4.19 -15.76 -11.08
C LEU B 224 3.85 -15.36 -12.48
N LYS B 225 4.30 -16.13 -13.46
CA LYS B 225 4.13 -15.77 -14.86
C LYS B 225 2.67 -15.54 -15.16
N ASP B 226 2.34 -14.45 -15.82
CA ASP B 226 1.01 -14.16 -16.29
C ASP B 226 0.08 -13.71 -15.19
N LYS B 227 0.56 -13.64 -13.96
CA LYS B 227 -0.30 -13.21 -12.86
C LYS B 227 0.25 -11.98 -12.12
N PRO B 228 -0.20 -10.77 -12.64
CA PRO B 228 0.43 -9.59 -12.06
C PRO B 228 -0.15 -9.07 -10.75
N GLY B 229 0.52 -8.13 -10.09
CA GLY B 229 -0.04 -7.48 -8.92
C GLY B 229 -1.23 -6.62 -9.32
N VAL B 230 -2.22 -6.52 -8.43
CA VAL B 230 -3.39 -5.68 -8.65
C VAL B 230 -3.42 -4.65 -7.56
N TYR B 231 -3.80 -3.44 -7.91
CA TYR B 231 -3.66 -2.29 -7.05
C TYR B 231 -4.93 -1.49 -7.16
N THR B 232 -5.28 -0.79 -6.09
CA THR B 232 -6.40 0.14 -6.14
C THR B 232 -6.00 1.36 -6.98
N ARG B 233 -6.83 1.66 -7.97
CA ARG B 233 -6.58 2.77 -8.87
C ARG B 233 -6.94 4.08 -8.18
N VAL B 234 -5.95 4.75 -7.61
CA VAL B 234 -6.17 5.91 -6.73
C VAL B 234 -6.83 7.12 -7.41
N SER B 235 -6.53 7.31 -8.70
CA SER B 235 -7.07 8.44 -9.45
C SER B 235 -8.60 8.40 -9.43
N HIS B 236 -9.17 7.20 -9.31
CA HIS B 236 -10.62 7.02 -9.28
C HIS B 236 -11.27 7.22 -7.89
N PHE B 237 -10.55 7.75 -6.90
CA PHE B 237 -11.08 7.90 -5.54
C PHE B 237 -10.88 9.29 -4.93
N LEU B 238 -10.55 10.28 -5.75
CA LEU B 238 -10.30 11.61 -5.21
C LEU B 238 -11.51 12.21 -4.47
N PRO B 239 -12.74 12.05 -5.01
CA PRO B 239 -13.89 12.62 -4.31
C PRO B 239 -14.04 12.03 -2.91
N TRP B 240 -14.01 10.70 -2.85
CA TRP B 240 -13.98 9.98 -1.55
C TRP B 240 -12.89 10.59 -0.67
N ILE B 241 -11.69 10.68 -1.23
CA ILE B 241 -10.54 11.15 -0.48
C ILE B 241 -10.75 12.58 0.03
N ARG B 242 -11.07 13.50 -0.88
CA ARG B 242 -11.28 14.90 -0.48
C ARG B 242 -12.43 15.10 0.51
N SER B 243 -13.52 14.35 0.35
CA SER B 243 -14.65 14.48 1.28
C SER B 243 -14.14 14.30 2.68
N HIS B 244 -13.47 13.17 2.90
CA HIS B 244 -13.03 12.76 4.22
C HIS B 244 -11.81 13.51 4.72
N THR B 245 -11.06 14.13 3.81
CA THR B 245 -9.78 14.76 4.18
C THR B 245 -9.87 16.27 4.36
N LYS B 246 -10.69 16.94 3.55
CA LYS B 246 -10.81 18.41 3.62
C LYS B 246 -11.19 18.90 5.01
N GLU B 247 -11.83 18.04 5.80
CA GLU B 247 -12.01 18.27 7.24
C GLU B 247 -10.67 18.47 7.97
C2 PL0 C . -0.54 -9.57 -2.18
C3 PL0 C . -0.06 -10.85 -2.26
C4 PL0 C . 0.35 -11.36 -3.46
C5 PL0 C . 0.30 -10.61 -4.61
C6 PL0 C . -0.19 -9.32 -4.53
C1 PL0 C . -0.60 -8.81 -3.32
C7 PL0 C . 1.34 -10.53 -6.73
N1 PL0 C . 0.71 -11.20 -5.79
N2 PL0 C . 1.62 -9.27 -6.59
N3 PL0 C . 1.70 -11.10 -7.77
#